data_7UOX
#
_entry.id   7UOX
#
_cell.length_a   39.030
_cell.length_b   78.810
_cell.length_c   134.810
_cell.angle_alpha   90.000
_cell.angle_beta   90.000
_cell.angle_gamma   90.000
#
_symmetry.space_group_name_H-M   'P 21 21 21'
#
loop_
_entity.id
_entity.type
_entity.pdbx_description
1 polymer 'Metallo beta-lactamase'
2 non-polymer 'ACETATE ION'
3 non-polymer 'CALCIUM ION'
4 non-polymer 'ZINC ION'
5 non-polymer 'CADMIUM ION'
6 non-polymer "(2M)-4'-(hydroxymethyl)-2-(1H-tetrazol-5-yl)[1,1'-biphenyl]-3-ol"
7 water water
#
_entity_poly.entity_id   1
_entity_poly.type   'polypeptide(L)'
_entity_poly.pdbx_seq_one_letter_code
;GSKLEFGEIRPTIGQQMETGDQRFGDLVFRQLAPNVWQHTSYLDMPGFGAVASNGLIVRDGGRVLVVDTAWTDDQTAQIL
NWIKQEINLPVALAVVTHAHQDKMGGMDALHAAGIATYANALSNQLAPQEGMVAAQHSLTFAANGWVEPATAPNFGPLKV
FYPGPGHTSDNITVGIDGTDIAFGGCLIKDSKAKSLGNLGDADTEHYAASARAFGAAFPKASMIVMSHSAPDSRAAITHT
ARMADKLR
;
_entity_poly.pdbx_strand_id   A,B
#
loop_
_chem_comp.id
_chem_comp.type
_chem_comp.name
_chem_comp.formula
ACT non-polymer 'ACETATE ION' 'C2 H3 O2 -1'
CA non-polymer 'CALCIUM ION' 'Ca 2'
CD non-polymer 'CADMIUM ION' 'Cd 2'
O0L non-polymer (2M)-4'-(hydroxymethyl)-2-(1H-tetrazol-5-yl)[1,1'-biphenyl]-3-ol 'C14 H12 N4 O2'
ZN non-polymer 'ZINC ION' 'Zn 2'
#
# COMPACT_ATOMS: atom_id res chain seq x y z
N GLU A 8 -21.38 3.39 34.51
CA GLU A 8 -20.33 3.67 33.52
C GLU A 8 -20.05 2.46 32.64
N ILE A 9 -19.54 2.70 31.42
CA ILE A 9 -19.13 1.63 30.51
C ILE A 9 -17.71 1.31 30.91
N ARG A 10 -17.50 0.06 31.31
CA ARG A 10 -16.17 -0.40 31.73
C ARG A 10 -15.76 -1.38 30.66
N PRO A 11 -14.98 -0.93 29.67
CA PRO A 11 -14.66 -1.83 28.56
C PRO A 11 -13.75 -2.95 29.01
N THR A 12 -13.89 -4.07 28.33
CA THR A 12 -12.98 -5.18 28.55
C THR A 12 -11.58 -4.83 28.06
N ILE A 13 -11.51 -4.15 26.89
CA ILE A 13 -10.29 -3.74 26.17
C ILE A 13 -10.41 -2.27 25.90
N GLY A 14 -9.31 -1.54 26.03
CA GLY A 14 -9.29 -0.11 25.79
C GLY A 14 -9.29 0.58 27.14
N GLN A 15 -8.92 1.87 27.20
CA GLN A 15 -8.87 2.59 28.46
C GLN A 15 -10.22 2.75 29.11
N GLN A 16 -10.21 2.87 30.44
CA GLN A 16 -11.38 3.08 31.25
C GLN A 16 -11.68 4.57 31.29
N MET A 17 -12.84 4.90 31.85
CA MET A 17 -13.29 6.27 32.05
C MET A 17 -12.57 6.79 33.30
N GLU A 18 -12.03 8.01 33.20
CA GLU A 18 -11.29 8.67 34.28
CA GLU A 18 -11.31 8.65 34.29
C GLU A 18 -11.77 10.10 34.42
N THR A 19 -11.28 10.84 35.45
CA THR A 19 -11.67 12.24 35.60
C THR A 19 -11.14 13.01 34.38
N GLY A 20 -11.97 13.85 33.81
CA GLY A 20 -11.67 14.57 32.57
C GLY A 20 -12.51 14.04 31.43
N ASP A 21 -13.21 12.92 31.65
CA ASP A 21 -14.09 12.29 30.66
C ASP A 21 -15.57 12.69 30.82
N GLN A 22 -16.25 12.91 29.68
CA GLN A 22 -17.65 13.26 29.61
C GLN A 22 -18.39 12.13 28.91
N ARG A 23 -19.37 11.53 29.57
CA ARG A 23 -20.18 10.52 28.93
C ARG A 23 -21.29 11.26 28.18
N PHE A 24 -21.54 10.87 26.92
CA PHE A 24 -22.56 11.46 26.08
C PHE A 24 -23.16 10.32 25.29
N GLY A 25 -24.39 9.95 25.62
CA GLY A 25 -25.01 8.80 24.98
C GLY A 25 -24.17 7.56 25.26
N ASP A 26 -23.79 6.83 24.20
CA ASP A 26 -22.99 5.64 24.31
C ASP A 26 -21.50 5.89 24.20
N LEU A 27 -21.11 7.19 24.15
CA LEU A 27 -19.74 7.55 23.91
C LEU A 27 -19.13 8.31 25.05
N VAL A 28 -17.79 8.43 25.01
CA VAL A 28 -17.05 9.24 25.96
C VAL A 28 -16.20 10.24 25.20
N PHE A 29 -16.16 11.47 25.70
CA PHE A 29 -15.37 12.54 25.13
C PHE A 29 -14.41 13.09 26.15
N ARG A 30 -13.18 13.39 25.72
CA ARG A 30 -12.15 13.91 26.61
C ARG A 30 -11.44 15.05 25.92
N GLN A 31 -11.40 16.21 26.55
CA GLN A 31 -10.69 17.34 25.95
C GLN A 31 -9.20 17.14 26.15
N LEU A 32 -8.44 17.22 25.07
CA LEU A 32 -6.99 17.04 25.13
C LEU A 32 -6.22 18.33 25.04
N ALA A 33 -6.83 19.35 24.40
CA ALA A 33 -6.22 20.65 24.22
C ALA A 33 -7.39 21.62 24.01
N PRO A 34 -7.18 22.93 23.99
CA PRO A 34 -8.31 23.83 23.82
C PRO A 34 -9.15 23.56 22.59
N ASN A 35 -8.52 23.05 21.54
CA ASN A 35 -9.17 22.80 20.25
C ASN A 35 -9.14 21.33 19.84
N VAL A 36 -8.85 20.40 20.76
CA VAL A 36 -8.81 18.99 20.38
C VAL A 36 -9.50 18.16 21.45
N TRP A 37 -10.37 17.26 20.99
CA TRP A 37 -11.06 16.33 21.84
C TRP A 37 -10.88 14.92 21.30
N GLN A 38 -10.87 13.94 22.18
CA GLN A 38 -10.86 12.54 21.82
C GLN A 38 -12.27 11.97 21.95
N HIS A 39 -12.74 11.29 20.91
CA HIS A 39 -13.99 10.55 20.96
C HIS A 39 -13.69 9.09 21.23
N THR A 40 -14.52 8.44 22.04
CA THR A 40 -14.39 7.03 22.35
C THR A 40 -15.73 6.37 22.19
N SER A 41 -15.73 5.26 21.44
CA SER A 41 -16.92 4.46 21.20
C SER A 41 -16.59 2.99 21.46
N TYR A 42 -17.64 2.16 21.61
CA TYR A 42 -17.44 0.83 22.11
C TYR A 42 -18.16 -0.20 21.30
N LEU A 43 -17.47 -1.29 20.98
CA LEU A 43 -18.08 -2.42 20.27
C LEU A 43 -18.28 -3.51 21.32
N ASP A 44 -19.53 -3.92 21.57
CA ASP A 44 -19.82 -4.97 22.52
C ASP A 44 -19.69 -6.28 21.75
N MET A 45 -18.54 -6.95 21.94
CA MET A 45 -18.21 -8.21 21.27
C MET A 45 -18.84 -9.41 21.97
N PRO A 46 -19.37 -10.40 21.19
CA PRO A 46 -19.99 -11.58 21.84
C PRO A 46 -19.04 -12.40 22.71
N GLY A 47 -19.47 -12.60 23.95
CA GLY A 47 -18.77 -13.36 24.98
C GLY A 47 -17.52 -12.71 25.54
N PHE A 48 -17.28 -11.44 25.16
CA PHE A 48 -16.07 -10.69 25.48
C PHE A 48 -16.30 -9.36 26.21
N GLY A 49 -17.35 -8.63 25.83
CA GLY A 49 -17.60 -7.30 26.38
C GLY A 49 -17.17 -6.22 25.42
N ALA A 50 -17.16 -5.00 25.89
CA ALA A 50 -16.90 -3.83 25.09
C ALA A 50 -15.44 -3.57 24.80
N VAL A 51 -15.19 -3.15 23.57
CA VAL A 51 -13.84 -2.79 23.12
C VAL A 51 -13.90 -1.31 22.77
N ALA A 52 -13.11 -0.49 23.45
CA ALA A 52 -13.07 0.92 23.17
C ALA A 52 -12.19 1.23 21.97
N SER A 53 -12.60 2.25 21.19
CA SER A 53 -11.80 2.79 20.10
C SER A 53 -11.89 4.30 20.15
N ASN A 54 -10.75 4.96 19.90
CA ASN A 54 -10.62 6.40 19.97
C ASN A 54 -10.35 7.04 18.63
N GLY A 55 -10.92 8.23 18.45
CA GLY A 55 -10.59 9.14 17.35
C GLY A 55 -10.51 10.56 17.88
N LEU A 56 -10.41 11.51 16.96
CA LEU A 56 -10.22 12.90 17.34
C LEU A 56 -11.23 13.82 16.69
N ILE A 57 -11.44 14.97 17.35
CA ILE A 57 -12.24 16.10 16.89
C ILE A 57 -11.35 17.32 17.06
N VAL A 58 -11.19 18.11 16.00
CA VAL A 58 -10.30 19.27 16.05
C VAL A 58 -11.07 20.51 15.61
N ARG A 59 -11.05 21.57 16.40
CA ARG A 59 -11.63 22.83 15.94
C ARG A 59 -10.55 23.62 15.23
N ASP A 60 -10.88 24.14 14.04
CA ASP A 60 -10.00 24.95 13.21
C ASP A 60 -10.77 26.22 12.85
N GLY A 61 -10.78 27.21 13.74
CA GLY A 61 -11.54 28.43 13.46
C GLY A 61 -13.03 28.16 13.48
N GLY A 62 -13.72 28.47 12.39
CA GLY A 62 -15.16 28.30 12.32
C GLY A 62 -15.65 26.95 11.84
N ARG A 63 -14.78 25.95 11.87
CA ARG A 63 -15.16 24.61 11.41
C ARG A 63 -14.48 23.57 12.29
N VAL A 64 -14.97 22.33 12.15
CA VAL A 64 -14.49 21.18 12.88
C VAL A 64 -14.00 20.11 11.89
N LEU A 65 -12.96 19.38 12.29
CA LEU A 65 -12.40 18.31 11.49
C LEU A 65 -12.41 17.05 12.34
N VAL A 66 -12.73 15.90 11.75
CA VAL A 66 -12.83 14.65 12.49
C VAL A 66 -11.78 13.67 11.98
N VAL A 67 -11.18 12.93 12.91
CA VAL A 67 -10.28 11.81 12.57
C VAL A 67 -10.94 10.55 13.13
N ASP A 68 -11.28 9.64 12.22
CA ASP A 68 -11.90 8.35 12.45
C ASP A 68 -13.37 8.43 12.79
N THR A 69 -14.11 7.42 12.29
CA THR A 69 -15.47 7.24 12.73
C THR A 69 -15.47 6.48 14.06
N ALA A 70 -16.67 6.26 14.60
CA ALA A 70 -16.89 5.29 15.64
C ALA A 70 -17.09 3.90 14.98
N TRP A 71 -17.32 2.87 15.81
CA TRP A 71 -17.52 1.53 15.27
C TRP A 71 -18.76 1.42 14.39
N THR A 72 -19.82 2.20 14.69
CA THR A 72 -21.08 2.06 13.97
C THR A 72 -21.58 3.41 13.47
N ASP A 73 -22.55 3.35 12.55
CA ASP A 73 -23.20 4.55 12.06
C ASP A 73 -23.93 5.28 13.19
N ASP A 74 -24.67 4.55 14.05
CA ASP A 74 -25.37 5.23 15.13
C ASP A 74 -24.42 5.95 16.07
N GLN A 75 -23.30 5.29 16.41
CA GLN A 75 -22.33 5.92 17.29
C GLN A 75 -21.72 7.15 16.63
N THR A 76 -21.48 7.07 15.31
CA THR A 76 -20.91 8.19 14.58
C THR A 76 -21.90 9.37 14.51
N ALA A 77 -23.19 9.07 14.35
CA ALA A 77 -24.19 10.12 14.41
C ALA A 77 -24.17 10.77 15.81
N GLN A 78 -23.89 9.99 16.86
CA GLN A 78 -23.77 10.56 18.22
C GLN A 78 -22.57 11.49 18.32
N ILE A 79 -21.46 11.17 17.65
CA ILE A 79 -20.33 12.09 17.62
C ILE A 79 -20.77 13.42 17.03
N LEU A 80 -21.49 13.37 15.89
CA LEU A 80 -21.95 14.57 15.24
C LEU A 80 -22.91 15.36 16.14
N ASN A 81 -23.73 14.65 16.91
CA ASN A 81 -24.62 15.31 17.85
C ASN A 81 -23.84 16.00 18.97
N TRP A 82 -22.78 15.36 19.47
CA TRP A 82 -21.95 15.98 20.49
C TRP A 82 -21.32 17.25 19.94
N ILE A 83 -20.79 17.18 18.71
CA ILE A 83 -20.18 18.36 18.11
C ILE A 83 -21.20 19.49 18.02
N LYS A 84 -22.41 19.18 17.57
CA LYS A 84 -23.45 20.19 17.45
C LYS A 84 -23.76 20.83 18.81
N GLN A 85 -23.85 20.02 19.86
CA GLN A 85 -24.19 20.52 21.18
C GLN A 85 -23.06 21.32 21.83
N GLU A 86 -21.84 20.78 21.74
CA GLU A 86 -20.72 21.33 22.47
C GLU A 86 -19.92 22.39 21.75
N ILE A 87 -19.88 22.30 20.43
CA ILE A 87 -19.08 23.22 19.62
C ILE A 87 -19.99 24.07 18.73
N ASN A 88 -21.02 23.46 18.14
CA ASN A 88 -21.97 24.21 17.29
C ASN A 88 -21.32 24.87 16.08
N LEU A 89 -20.42 24.11 15.44
CA LEU A 89 -19.76 24.51 14.23
C LEU A 89 -19.83 23.35 13.24
N PRO A 90 -19.75 23.64 11.93
CA PRO A 90 -19.91 22.57 10.94
C PRO A 90 -18.66 21.71 10.82
N VAL A 91 -18.88 20.45 10.52
CA VAL A 91 -17.78 19.51 10.25
C VAL A 91 -17.40 19.64 8.79
N ALA A 92 -16.18 20.08 8.52
CA ALA A 92 -15.73 20.27 7.14
C ALA A 92 -15.34 19.01 6.46
N LEU A 93 -14.74 18.07 7.17
CA LEU A 93 -14.21 16.86 6.59
C LEU A 93 -13.86 15.90 7.70
N ALA A 94 -13.74 14.64 7.30
CA ALA A 94 -13.22 13.61 8.16
C ALA A 94 -12.16 12.85 7.40
N VAL A 95 -11.11 12.46 8.13
CA VAL A 95 -9.99 11.59 7.69
CA VAL A 95 -10.11 11.55 7.62
C VAL A 95 -10.14 10.30 8.45
N VAL A 96 -10.16 9.15 7.76
CA VAL A 96 -10.29 7.87 8.42
C VAL A 96 -9.01 7.08 8.15
N THR A 97 -8.48 6.40 9.19
CA THR A 97 -7.10 5.96 9.21
C THR A 97 -6.77 4.58 8.76
N HIS A 98 -7.76 3.74 8.46
CA HIS A 98 -7.61 2.51 7.69
C HIS A 98 -8.95 1.82 7.59
N ALA A 99 -9.02 0.83 6.70
CA ALA A 99 -10.26 0.13 6.42
C ALA A 99 -10.51 -1.04 7.37
N HIS A 100 -10.87 -0.70 8.62
CA HIS A 100 -11.35 -1.63 9.63
C HIS A 100 -12.53 -0.96 10.33
N GLN A 101 -13.39 -1.76 10.96
CA GLN A 101 -14.62 -1.27 11.55
C GLN A 101 -14.44 -0.18 12.60
N ASP A 102 -13.40 -0.26 13.42
CA ASP A 102 -13.21 0.76 14.45
CA ASP A 102 -13.26 0.77 14.44
C ASP A 102 -12.95 2.15 13.90
N LYS A 103 -12.41 2.23 12.67
CA LYS A 103 -12.04 3.50 12.06
C LYS A 103 -12.99 3.96 10.96
N MET A 104 -13.68 3.01 10.30
CA MET A 104 -14.51 3.30 9.15
C MET A 104 -15.91 2.73 9.26
N GLY A 105 -16.27 2.14 10.39
CA GLY A 105 -17.60 1.54 10.49
C GLY A 105 -18.75 2.53 10.38
N GLY A 106 -18.50 3.82 10.60
CA GLY A 106 -19.57 4.82 10.60
C GLY A 106 -19.58 5.75 9.41
N MET A 107 -18.98 5.33 8.28
CA MET A 107 -18.94 6.20 7.11
C MET A 107 -20.31 6.69 6.67
N ASP A 108 -21.31 5.79 6.68
CA ASP A 108 -22.63 6.19 6.21
C ASP A 108 -23.19 7.37 6.97
N ALA A 109 -22.92 7.45 8.27
CA ALA A 109 -23.42 8.58 9.07
C ALA A 109 -22.77 9.88 8.62
N LEU A 110 -21.47 9.84 8.32
CA LEU A 110 -20.80 11.04 7.83
C LEU A 110 -21.36 11.47 6.49
N HIS A 111 -21.57 10.50 5.58
CA HIS A 111 -22.10 10.80 4.26
C HIS A 111 -23.51 11.35 4.32
N ALA A 112 -24.36 10.77 5.18
CA ALA A 112 -25.73 11.27 5.32
C ALA A 112 -25.73 12.73 5.82
N ALA A 113 -24.73 13.08 6.61
CA ALA A 113 -24.60 14.44 7.13
C ALA A 113 -23.97 15.38 6.12
N GLY A 114 -23.52 14.89 4.99
CA GLY A 114 -22.92 15.74 3.96
C GLY A 114 -21.48 16.11 4.22
N ILE A 115 -20.76 15.32 5.01
CA ILE A 115 -19.38 15.59 5.35
C ILE A 115 -18.46 14.93 4.35
N ALA A 116 -17.51 15.67 3.80
CA ALA A 116 -16.54 15.13 2.89
C ALA A 116 -15.59 14.18 3.61
N THR A 117 -15.38 13.00 3.06
CA THR A 117 -14.56 11.98 3.69
C THR A 117 -13.34 11.66 2.85
N TYR A 118 -12.24 11.41 3.57
CA TYR A 118 -10.94 11.16 3.00
C TYR A 118 -10.29 9.96 3.63
N ALA A 119 -9.65 9.12 2.82
CA ALA A 119 -8.88 7.98 3.32
C ALA A 119 -7.76 7.73 2.34
N ASN A 120 -6.75 7.00 2.80
CA ASN A 120 -5.74 6.49 1.89
C ASN A 120 -6.44 5.81 0.71
N ALA A 121 -5.96 6.06 -0.52
CA ALA A 121 -6.49 5.36 -1.69
C ALA A 121 -6.55 3.86 -1.46
N LEU A 122 -5.52 3.29 -0.83
CA LEU A 122 -5.50 1.85 -0.55
C LEU A 122 -6.62 1.45 0.41
N SER A 123 -6.91 2.29 1.41
CA SER A 123 -8.05 2.01 2.28
C SER A 123 -9.35 1.95 1.48
N ASN A 124 -9.52 2.89 0.55
CA ASN A 124 -10.73 2.90 -0.26
C ASN A 124 -10.80 1.66 -1.16
N GLN A 125 -9.65 1.20 -1.66
CA GLN A 125 -9.60 0.02 -2.50
C GLN A 125 -9.88 -1.25 -1.68
N LEU A 126 -9.38 -1.32 -0.44
CA LEU A 126 -9.62 -2.46 0.43
C LEU A 126 -10.98 -2.47 1.08
N ALA A 127 -11.65 -1.31 1.13
CA ALA A 127 -12.88 -1.18 1.89
C ALA A 127 -13.91 -2.27 1.58
N PRO A 128 -14.21 -2.60 0.32
CA PRO A 128 -15.22 -3.66 0.07
C PRO A 128 -14.87 -4.99 0.72
N GLN A 129 -13.63 -5.44 0.57
CA GLN A 129 -13.25 -6.73 1.19
C GLN A 129 -13.28 -6.68 2.70
N GLU A 130 -13.04 -5.49 3.26
CA GLU A 130 -13.04 -5.32 4.69
C GLU A 130 -14.45 -5.06 5.25
N GLY A 131 -15.47 -5.05 4.40
CA GLY A 131 -16.83 -4.79 4.81
C GLY A 131 -17.14 -3.35 5.11
N MET A 132 -16.33 -2.42 4.57
CA MET A 132 -16.50 -1.00 4.83
C MET A 132 -17.00 -0.29 3.59
N VAL A 133 -17.53 0.90 3.81
CA VAL A 133 -17.90 1.84 2.77
C VAL A 133 -16.65 2.72 2.53
N ALA A 134 -16.22 2.92 1.29
CA ALA A 134 -15.07 3.77 1.02
C ALA A 134 -15.38 5.23 1.35
N ALA A 135 -14.32 5.96 1.69
CA ALA A 135 -14.40 7.41 1.73
C ALA A 135 -14.64 7.93 0.31
N GLN A 136 -15.13 9.15 0.21
CA GLN A 136 -15.46 9.76 -1.07
C GLN A 136 -14.26 10.34 -1.79
N HIS A 137 -13.14 10.50 -1.10
CA HIS A 137 -11.92 11.05 -1.65
C HIS A 137 -10.74 10.21 -1.21
N SER A 138 -9.74 10.11 -2.10
CA SER A 138 -8.55 9.33 -1.85
C SER A 138 -7.34 10.21 -1.64
N LEU A 139 -6.61 9.92 -0.57
CA LEU A 139 -5.31 10.48 -0.28
C LEU A 139 -4.23 9.62 -0.91
N THR A 140 -3.22 10.26 -1.49
CA THR A 140 -2.05 9.56 -1.97
C THR A 140 -0.82 10.11 -1.28
N PHE A 141 0.27 9.35 -1.35
CA PHE A 141 1.44 9.61 -0.56
C PHE A 141 2.70 9.58 -1.37
N ALA A 142 3.67 10.38 -0.94
CA ALA A 142 5.00 10.38 -1.48
C ALA A 142 5.79 9.16 -1.03
N ALA A 143 6.97 8.98 -1.63
CA ALA A 143 7.88 7.88 -1.29
C ALA A 143 8.37 7.93 0.13
N ASN A 144 8.33 9.10 0.78
CA ASN A 144 8.75 9.23 2.17
C ASN A 144 7.58 9.21 3.14
N GLY A 145 6.36 8.98 2.64
CA GLY A 145 5.17 8.88 3.47
C GLY A 145 4.32 10.12 3.59
N TRP A 146 4.82 11.30 3.26
CA TRP A 146 3.98 12.49 3.41
C TRP A 146 2.85 12.51 2.38
N VAL A 147 1.66 12.95 2.81
CA VAL A 147 0.55 13.05 1.89
C VAL A 147 0.87 14.01 0.77
N GLU A 148 0.37 13.72 -0.43
CA GLU A 148 0.46 14.62 -1.56
C GLU A 148 -0.53 15.76 -1.28
N PRO A 149 -0.05 17.01 -1.13
CA PRO A 149 -0.97 18.07 -0.67
C PRO A 149 -2.17 18.34 -1.54
N ALA A 150 -2.06 18.13 -2.83
CA ALA A 150 -3.22 18.35 -3.71
C ALA A 150 -4.37 17.37 -3.41
N THR A 151 -4.06 16.23 -2.78
CA THR A 151 -5.09 15.24 -2.43
C THR A 151 -5.72 15.53 -1.07
N ALA A 152 -5.16 16.49 -0.32
CA ALA A 152 -5.63 16.83 1.03
C ALA A 152 -5.96 18.32 1.08
N PRO A 153 -6.95 18.77 0.30
CA PRO A 153 -7.19 20.20 0.19
C PRO A 153 -7.84 20.74 1.44
N ASN A 154 -7.36 21.91 1.86
CA ASN A 154 -7.95 22.62 3.00
CA ASN A 154 -7.93 22.62 2.99
C ASN A 154 -8.02 21.78 4.26
N PHE A 155 -6.95 21.03 4.56
CA PHE A 155 -6.89 20.21 5.75
C PHE A 155 -6.53 20.95 7.02
N GLY A 156 -6.28 22.27 6.94
CA GLY A 156 -5.96 23.05 8.12
C GLY A 156 -4.81 22.43 8.89
N PRO A 157 -5.00 22.16 10.18
CA PRO A 157 -3.89 21.66 10.97
C PRO A 157 -3.62 20.17 10.79
N LEU A 158 -4.44 19.43 10.05
CA LEU A 158 -4.20 17.98 9.94
C LEU A 158 -3.08 17.71 8.97
N LYS A 159 -2.02 17.07 9.48
CA LYS A 159 -0.83 16.76 8.70
CA LYS A 159 -0.83 16.73 8.68
C LYS A 159 -0.76 15.24 8.56
N VAL A 160 -1.16 14.72 7.41
CA VAL A 160 -1.32 13.28 7.22
C VAL A 160 -0.03 12.62 6.74
N PHE A 161 0.31 11.50 7.38
CA PHE A 161 1.54 10.79 7.10
C PHE A 161 1.25 9.31 7.03
N TYR A 162 1.73 8.65 5.97
CA TYR A 162 1.65 7.22 5.81
C TYR A 162 3.00 6.63 6.24
N PRO A 163 3.04 5.88 7.35
CA PRO A 163 4.33 5.48 7.92
C PRO A 163 4.90 4.21 7.34
N GLY A 164 4.12 3.52 6.52
CA GLY A 164 4.47 2.21 6.04
C GLY A 164 3.54 1.17 6.62
N PRO A 165 3.61 -0.07 6.10
CA PRO A 165 2.71 -1.12 6.59
C PRO A 165 3.03 -1.51 8.03
N GLY A 166 1.99 -1.78 8.80
CA GLY A 166 2.20 -2.18 10.19
C GLY A 166 1.01 -2.94 10.70
N HIS A 167 0.12 -2.26 11.41
CA HIS A 167 -1.12 -2.89 11.84
C HIS A 167 -1.93 -3.38 10.63
N THR A 168 -1.95 -2.57 9.57
CA THR A 168 -2.44 -2.97 8.26
C THR A 168 -1.50 -2.38 7.22
N SER A 169 -1.69 -2.74 5.96
CA SER A 169 -0.88 -2.14 4.91
CA SER A 169 -0.88 -2.13 4.92
C SER A 169 -1.29 -0.70 4.63
N ASP A 170 -2.53 -0.33 4.98
CA ASP A 170 -3.07 0.99 4.64
C ASP A 170 -3.06 2.00 5.76
N ASN A 171 -2.64 1.63 6.97
CA ASN A 171 -2.74 2.51 8.11
C ASN A 171 -2.04 3.86 7.89
N ILE A 172 -2.74 4.94 8.23
CA ILE A 172 -2.20 6.27 8.15
C ILE A 172 -2.24 6.91 9.55
N THR A 173 -1.52 8.02 9.71
CA THR A 173 -1.36 8.74 10.95
C THR A 173 -1.56 10.23 10.68
N VAL A 174 -1.84 10.98 11.75
CA VAL A 174 -2.19 12.38 11.58
C VAL A 174 -1.56 13.21 12.69
N GLY A 175 -0.75 14.20 12.33
CA GLY A 175 -0.27 15.17 13.29
C GLY A 175 -1.21 16.35 13.33
N ILE A 176 -1.34 16.99 14.50
CA ILE A 176 -2.23 18.11 14.66
CA ILE A 176 -2.18 18.19 14.58
C ILE A 176 -1.28 19.37 14.75
N ASP A 177 -1.08 20.04 13.65
CA ASP A 177 -0.21 21.19 13.67
CA ASP A 177 -0.26 21.27 13.60
C ASP A 177 -0.76 22.27 14.61
N GLY A 178 0.12 23.05 15.22
CA GLY A 178 -0.32 24.04 16.19
C GLY A 178 -0.56 23.44 17.54
N THR A 179 -0.22 22.17 17.72
CA THR A 179 -0.33 21.47 18.98
C THR A 179 0.85 20.55 19.10
N ASP A 180 0.96 19.93 20.26
CA ASP A 180 1.99 18.93 20.49
C ASP A 180 1.40 17.50 20.42
N ILE A 181 0.30 17.35 19.66
CA ILE A 181 -0.41 16.08 19.52
C ILE A 181 -0.16 15.42 18.17
N ALA A 182 0.04 14.09 18.20
CA ALA A 182 0.02 13.31 16.98
C ALA A 182 -0.76 12.04 17.24
N PHE A 183 -1.51 11.62 16.23
CA PHE A 183 -2.40 10.48 16.29
C PHE A 183 -1.84 9.29 15.52
N GLY A 184 -1.54 8.23 16.25
CA GLY A 184 -1.01 7.01 15.65
C GLY A 184 -2.05 5.97 15.29
N GLY A 185 -3.32 6.20 15.61
CA GLY A 185 -4.35 5.24 15.31
C GLY A 185 -4.04 3.89 15.89
N CYS A 186 -4.29 2.84 15.11
CA CYS A 186 -4.08 1.48 15.58
C CYS A 186 -2.64 1.02 15.42
N LEU A 187 -1.81 1.77 14.73
CA LEU A 187 -0.42 1.37 14.60
C LEU A 187 0.29 1.36 15.94
N ILE A 188 0.04 2.40 16.74
CA ILE A 188 0.73 2.63 18.00
C ILE A 188 -0.07 2.10 19.16
N LYS A 189 0.62 1.41 20.07
CA LYS A 189 0.07 0.93 21.32
C LYS A 189 0.75 1.67 22.46
N ASP A 190 0.14 1.66 23.64
CA ASP A 190 0.73 2.48 24.71
C ASP A 190 2.01 1.90 25.27
N SER A 191 2.70 2.72 26.06
CA SER A 191 4.00 2.38 26.59
C SER A 191 4.02 1.20 27.52
N LYS A 192 2.85 0.78 28.04
CA LYS A 192 2.74 -0.36 28.93
C LYS A 192 1.97 -1.51 28.26
N ALA A 193 1.76 -1.45 26.94
CA ALA A 193 1.01 -2.48 26.24
C ALA A 193 1.71 -3.81 26.32
N LYS A 194 0.92 -4.87 26.40
CA LYS A 194 1.34 -6.25 26.51
C LYS A 194 1.46 -6.93 25.13
N SER A 195 0.79 -6.41 24.10
CA SER A 195 0.78 -6.98 22.76
C SER A 195 0.55 -5.90 21.75
N LEU A 196 0.73 -6.26 20.48
CA LEU A 196 0.45 -5.35 19.38
C LEU A 196 -1.01 -5.46 18.91
N GLY A 197 -1.87 -6.13 19.65
CA GLY A 197 -3.27 -6.25 19.28
C GLY A 197 -3.53 -7.31 18.25
N ASN A 198 -4.57 -7.08 17.42
CA ASN A 198 -4.95 -8.03 16.39
C ASN A 198 -3.98 -7.91 15.23
N LEU A 199 -3.14 -8.91 15.03
CA LEU A 199 -2.15 -8.90 13.97
C LEU A 199 -2.63 -9.61 12.70
N GLY A 200 -3.91 -9.90 12.62
CA GLY A 200 -4.43 -10.68 11.49
C GLY A 200 -4.16 -10.09 10.11
N ASP A 201 -4.17 -8.76 10.01
CA ASP A 201 -3.95 -8.06 8.75
C ASP A 201 -2.58 -7.34 8.75
N ALA A 202 -1.73 -7.64 9.72
CA ALA A 202 -0.49 -6.91 9.92
C ALA A 202 0.63 -7.34 9.03
N ASP A 203 1.58 -6.41 8.85
CA ASP A 203 2.83 -6.68 8.15
C ASP A 203 3.91 -6.77 9.24
N THR A 204 4.22 -7.99 9.66
CA THR A 204 5.14 -8.17 10.77
C THR A 204 6.59 -7.82 10.41
N GLU A 205 6.95 -7.88 9.11
CA GLU A 205 8.31 -7.52 8.73
C GLU A 205 8.56 -6.02 8.89
N HIS A 206 7.59 -5.22 8.44
CA HIS A 206 7.79 -3.78 8.32
C HIS A 206 7.25 -2.96 9.51
N TYR A 207 6.55 -3.63 10.44
CA TYR A 207 5.86 -2.91 11.52
C TYR A 207 6.82 -2.01 12.31
N ALA A 208 7.97 -2.55 12.73
CA ALA A 208 8.86 -1.76 13.60
C ALA A 208 9.31 -0.49 12.90
N ALA A 209 9.74 -0.60 11.65
CA ALA A 209 10.19 0.58 10.92
C ALA A 209 9.03 1.56 10.73
N SER A 210 7.83 1.06 10.49
CA SER A 210 6.68 1.98 10.33
C SER A 210 6.39 2.73 11.62
N ALA A 211 6.42 2.04 12.75
CA ALA A 211 6.20 2.72 14.02
C ALA A 211 7.26 3.82 14.24
N ARG A 212 8.54 3.47 13.97
CA ARG A 212 9.59 4.47 14.12
C ARG A 212 9.44 5.61 13.14
N ALA A 213 8.97 5.32 11.92
CA ALA A 213 8.78 6.37 10.92
C ALA A 213 7.72 7.37 11.37
N PHE A 214 6.66 6.91 12.02
CA PHE A 214 5.67 7.81 12.58
C PHE A 214 6.34 8.74 13.62
N GLY A 215 7.17 8.18 14.50
CA GLY A 215 7.85 9.03 15.47
C GLY A 215 8.74 10.07 14.82
N ALA A 216 9.45 9.67 13.74
CA ALA A 216 10.35 10.60 13.07
C ALA A 216 9.58 11.67 12.28
N ALA A 217 8.36 11.35 11.82
CA ALA A 217 7.56 12.30 11.08
C ALA A 217 7.07 13.45 11.96
N PHE A 218 6.81 13.14 13.24
CA PHE A 218 6.29 14.12 14.20
C PHE A 218 7.23 14.13 15.38
N PRO A 219 8.48 14.61 15.19
CA PRO A 219 9.51 14.41 16.22
C PRO A 219 9.32 15.21 17.49
N LYS A 220 8.48 16.24 17.43
CA LYS A 220 8.24 17.11 18.58
C LYS A 220 6.87 16.92 19.16
N ALA A 221 6.13 15.90 18.74
CA ALA A 221 4.83 15.62 19.35
C ALA A 221 5.07 14.91 20.67
N SER A 222 4.57 15.50 21.75
CA SER A 222 4.75 14.92 23.07
C SER A 222 3.56 14.13 23.54
N MET A 223 2.37 14.36 22.97
CA MET A 223 1.16 13.66 23.34
C MET A 223 0.77 12.77 22.17
N ILE A 224 0.91 11.47 22.37
CA ILE A 224 0.63 10.49 21.35
C ILE A 224 -0.73 9.87 21.63
N VAL A 225 -1.67 10.08 20.70
CA VAL A 225 -3.04 9.59 20.80
C VAL A 225 -3.13 8.33 19.96
N MET A 226 -3.89 7.36 20.43
CA MET A 226 -3.97 6.09 19.75
C MET A 226 -5.35 5.50 19.90
N SER A 227 -5.64 4.47 19.14
CA SER A 227 -6.98 3.95 19.10
C SER A 227 -7.46 3.26 20.35
N HIS A 228 -6.59 2.57 21.08
CA HIS A 228 -7.06 1.66 22.11
C HIS A 228 -6.48 1.88 23.50
N SER A 229 -5.90 3.05 23.74
CA SER A 229 -5.34 3.44 25.03
CA SER A 229 -5.49 3.42 25.07
C SER A 229 -5.52 4.92 25.20
N ALA A 230 -5.41 5.40 26.43
CA ALA A 230 -5.43 6.82 26.69
C ALA A 230 -4.18 7.47 26.08
N PRO A 231 -4.22 8.78 25.85
CA PRO A 231 -3.04 9.45 25.31
C PRO A 231 -1.83 9.18 26.19
N ASP A 232 -0.67 9.04 25.55
CA ASP A 232 0.56 8.68 26.23
C ASP A 232 1.70 9.52 25.74
N SER A 233 2.86 9.28 26.34
CA SER A 233 4.09 9.92 25.93
C SER A 233 4.64 9.26 24.65
N ARG A 234 5.79 9.78 24.20
CA ARG A 234 6.52 9.19 23.09
C ARG A 234 7.03 7.78 23.41
N ALA A 235 7.02 7.35 24.69
CA ALA A 235 7.38 5.96 24.98
C ALA A 235 6.36 4.99 24.36
N ALA A 236 5.16 5.44 23.99
CA ALA A 236 4.25 4.57 23.25
C ALA A 236 4.90 4.18 21.93
N ILE A 237 5.55 5.14 21.25
CA ILE A 237 6.17 4.86 19.97
C ILE A 237 7.33 3.91 20.14
N THR A 238 8.21 4.21 21.10
CA THR A 238 9.40 3.40 21.31
C THR A 238 9.05 1.99 21.75
N HIS A 239 8.06 1.87 22.61
CA HIS A 239 7.66 0.56 23.12
C HIS A 239 7.00 -0.25 22.01
N THR A 240 6.14 0.39 21.19
CA THR A 240 5.53 -0.30 20.08
C THR A 240 6.60 -0.85 19.14
N ALA A 241 7.59 -0.02 18.82
CA ALA A 241 8.63 -0.44 17.91
C ALA A 241 9.43 -1.58 18.51
N ARG A 242 9.71 -1.56 19.82
CA ARG A 242 10.42 -2.62 20.55
CA ARG A 242 10.44 -2.63 20.47
C ARG A 242 9.64 -3.93 20.45
N MET A 243 8.32 -3.89 20.66
CA MET A 243 7.50 -5.10 20.54
C MET A 243 7.57 -5.61 19.09
N ALA A 244 7.50 -4.70 18.13
CA ALA A 244 7.53 -5.07 16.73
C ALA A 244 8.88 -5.61 16.29
N ASP A 245 10.00 -5.21 16.94
CA ASP A 245 11.32 -5.75 16.64
C ASP A 245 11.33 -7.27 16.85
N LYS A 246 10.50 -7.78 17.77
CA LYS A 246 10.41 -9.21 18.07
C LYS A 246 9.68 -10.00 16.97
N LEU A 247 8.88 -9.31 16.12
CA LEU A 247 8.12 -9.95 15.04
C LEU A 247 8.97 -10.20 13.79
N ARG A 248 9.98 -9.34 13.55
CA ARG A 248 10.85 -9.40 12.38
C ARG A 248 11.78 -10.61 12.43
N GLU B 8 23.27 -23.98 -22.97
CA GLU B 8 22.13 -23.13 -22.61
C GLU B 8 21.89 -23.08 -21.09
N ILE B 9 21.03 -22.15 -20.66
CA ILE B 9 20.67 -21.96 -19.24
C ILE B 9 19.50 -22.87 -18.89
N ARG B 10 19.68 -23.70 -17.85
CA ARG B 10 18.67 -24.62 -17.35
CA ARG B 10 18.64 -24.60 -17.36
C ARG B 10 18.30 -24.17 -15.94
N PRO B 11 17.29 -23.27 -15.76
CA PRO B 11 17.01 -22.82 -14.40
C PRO B 11 16.43 -23.91 -13.53
N THR B 12 16.72 -23.80 -12.25
CA THR B 12 16.11 -24.65 -11.25
C THR B 12 14.61 -24.30 -11.20
N ILE B 13 14.28 -22.97 -11.15
CA ILE B 13 12.91 -22.41 -11.09
C ILE B 13 12.74 -21.38 -12.19
N GLY B 14 11.51 -21.25 -12.69
CA GLY B 14 11.18 -20.34 -13.78
C GLY B 14 11.20 -21.15 -15.06
N GLN B 15 10.60 -20.65 -16.16
CA GLN B 15 10.53 -21.40 -17.41
C GLN B 15 11.86 -21.70 -18.04
N GLN B 16 11.91 -22.83 -18.73
CA GLN B 16 13.06 -23.31 -19.46
C GLN B 16 13.10 -22.60 -20.81
N MET B 17 14.23 -22.75 -21.50
CA MET B 17 14.41 -22.18 -22.82
C MET B 17 13.69 -23.05 -23.84
N GLU B 18 13.00 -22.41 -24.80
CA GLU B 18 12.29 -23.06 -25.89
C GLU B 18 12.77 -22.49 -27.23
N THR B 19 12.38 -23.12 -28.37
CA THR B 19 12.76 -22.67 -29.71
C THR B 19 12.21 -21.26 -29.98
N GLY B 20 13.05 -20.43 -30.60
CA GLY B 20 12.70 -19.04 -30.88
C GLY B 20 13.29 -18.06 -29.88
N ASP B 21 13.78 -18.57 -28.73
CA ASP B 21 14.42 -17.74 -27.70
C ASP B 21 15.82 -17.35 -28.20
N GLN B 22 16.23 -16.11 -27.95
CA GLN B 22 17.55 -15.61 -28.32
C GLN B 22 18.40 -15.47 -27.06
N ARG B 23 19.58 -16.07 -27.06
CA ARG B 23 20.51 -15.93 -25.95
C ARG B 23 21.36 -14.71 -26.24
N PHE B 24 21.53 -13.83 -25.27
CA PHE B 24 22.37 -12.65 -25.39
C PHE B 24 23.06 -12.53 -24.04
N GLY B 25 24.35 -12.80 -24.00
CA GLY B 25 25.08 -12.79 -22.73
C GLY B 25 24.47 -13.77 -21.75
N ASP B 26 24.13 -13.29 -20.55
CA ASP B 26 23.51 -14.13 -19.52
C ASP B 26 22.00 -14.10 -19.57
N LEU B 27 21.43 -13.48 -20.60
CA LEU B 27 20.01 -13.34 -20.66
CA LEU B 27 20.00 -13.22 -20.77
C LEU B 27 19.36 -14.01 -21.88
N VAL B 28 18.03 -14.07 -21.86
CA VAL B 28 17.23 -14.65 -22.92
C VAL B 28 16.17 -13.61 -23.31
N PHE B 29 15.95 -13.48 -24.62
CA PHE B 29 14.96 -12.58 -25.17
C PHE B 29 14.01 -13.33 -26.08
N ARG B 30 12.75 -12.96 -26.05
CA ARG B 30 11.72 -13.59 -26.87
C ARG B 30 10.82 -12.50 -27.41
N GLN B 31 10.59 -12.46 -28.72
CA GLN B 31 9.66 -11.47 -29.27
C GLN B 31 8.23 -11.97 -29.09
N LEU B 32 7.37 -11.11 -28.53
CA LEU B 32 5.97 -11.46 -28.30
C LEU B 32 5.00 -10.82 -29.28
N ALA B 33 5.37 -9.66 -29.82
CA ALA B 33 4.54 -8.91 -30.74
C ALA B 33 5.48 -8.04 -31.55
N PRO B 34 5.01 -7.39 -32.62
CA PRO B 34 5.95 -6.60 -33.44
C PRO B 34 6.79 -5.57 -32.68
N ASN B 35 6.25 -5.03 -31.58
CA ASN B 35 6.98 -4.03 -30.81
C ASN B 35 7.16 -4.41 -29.34
N VAL B 36 7.07 -5.73 -29.03
CA VAL B 36 7.15 -6.17 -27.62
C VAL B 36 8.03 -7.39 -27.51
N TRP B 37 8.98 -7.36 -26.56
CA TRP B 37 9.84 -8.48 -26.27
C TRP B 37 9.82 -8.77 -24.78
N GLN B 38 10.04 -10.02 -24.42
CA GLN B 38 10.23 -10.44 -23.03
C GLN B 38 11.71 -10.61 -22.77
N HIS B 39 12.20 -10.02 -21.66
CA HIS B 39 13.56 -10.24 -21.20
C HIS B 39 13.52 -11.22 -20.06
N THR B 40 14.53 -12.12 -20.01
CA THR B 40 14.67 -13.10 -18.95
C THR B 40 16.08 -13.07 -18.42
N SER B 41 16.23 -12.99 -17.09
CA SER B 41 17.50 -13.00 -16.40
C SER B 41 17.43 -14.01 -15.28
N TYR B 42 18.60 -14.39 -14.76
CA TYR B 42 18.71 -15.51 -13.83
C TYR B 42 19.51 -15.18 -12.60
N LEU B 43 18.97 -15.47 -11.42
CA LEU B 43 19.68 -15.31 -10.17
C LEU B 43 20.31 -16.65 -9.84
N ASP B 44 21.64 -16.75 -9.68
CA ASP B 44 22.24 -18.02 -9.30
CA ASP B 44 22.24 -18.03 -9.29
C ASP B 44 22.23 -18.06 -7.79
N MET B 45 21.27 -18.77 -7.23
CA MET B 45 21.12 -18.84 -5.79
C MET B 45 22.03 -19.88 -5.22
N PRO B 46 22.86 -19.50 -4.22
CA PRO B 46 23.77 -20.49 -3.59
C PRO B 46 23.01 -21.69 -3.04
N GLY B 47 23.48 -22.87 -3.43
CA GLY B 47 22.93 -24.18 -3.04
C GLY B 47 21.58 -24.53 -3.63
N PHE B 48 21.12 -23.77 -4.63
CA PHE B 48 19.80 -23.94 -5.21
C PHE B 48 19.83 -23.96 -6.76
N GLY B 49 20.62 -23.07 -7.34
CA GLY B 49 20.73 -22.93 -8.79
C GLY B 49 20.03 -21.68 -9.28
N ALA B 50 19.83 -21.60 -10.59
CA ALA B 50 19.30 -20.42 -11.26
C ALA B 50 17.79 -20.26 -11.14
N VAL B 51 17.35 -19.02 -10.92
CA VAL B 51 15.93 -18.66 -10.84
C VAL B 51 15.69 -17.65 -11.94
N ALA B 52 14.84 -17.98 -12.90
CA ALA B 52 14.49 -17.06 -13.98
C ALA B 52 13.47 -16.04 -13.55
N SER B 53 13.62 -14.82 -14.07
CA SER B 53 12.63 -13.76 -13.91
C SER B 53 12.47 -13.03 -15.23
N ASN B 54 11.24 -12.67 -15.58
CA ASN B 54 10.88 -12.03 -16.83
C ASN B 54 10.39 -10.61 -16.63
N GLY B 55 10.72 -9.76 -17.60
CA GLY B 55 10.16 -8.43 -17.75
C GLY B 55 9.89 -8.18 -19.23
N LEU B 56 9.56 -6.92 -19.57
CA LEU B 56 9.20 -6.56 -20.93
C LEU B 56 10.01 -5.40 -21.45
N ILE B 57 10.07 -5.37 -22.79
CA ILE B 57 10.67 -4.27 -23.54
CA ILE B 57 10.71 -4.32 -23.60
C ILE B 57 9.66 -3.89 -24.60
N VAL B 58 9.31 -2.60 -24.67
CA VAL B 58 8.28 -2.13 -25.60
C VAL B 58 8.84 -1.00 -26.43
N ARG B 59 8.68 -1.07 -27.75
CA ARG B 59 9.08 0.01 -28.64
C ARG B 59 7.83 0.85 -28.92
N ASP B 60 7.87 2.16 -28.64
CA ASP B 60 6.79 3.14 -28.87
C ASP B 60 7.34 4.48 -29.37
N GLY B 61 6.85 5.09 -30.44
CA GLY B 61 7.22 6.47 -30.75
C GLY B 61 8.70 6.81 -30.72
N GLY B 62 9.51 5.95 -31.34
CA GLY B 62 10.94 6.05 -31.51
C GLY B 62 11.68 5.90 -30.20
N ARG B 63 11.02 5.33 -29.20
CA ARG B 63 11.69 5.09 -27.95
C ARG B 63 11.38 3.71 -27.44
N VAL B 64 12.14 3.30 -26.47
CA VAL B 64 11.96 2.03 -25.82
C VAL B 64 11.53 2.28 -24.36
N LEU B 65 10.58 1.46 -23.91
CA LEU B 65 10.07 1.50 -22.53
C LEU B 65 10.36 0.13 -21.94
N VAL B 66 10.91 0.10 -20.72
CA VAL B 66 11.24 -1.15 -20.07
C VAL B 66 10.32 -1.38 -18.89
N VAL B 67 9.86 -2.62 -18.74
CA VAL B 67 9.10 -3.04 -17.57
C VAL B 67 9.96 -4.06 -16.82
N ASP B 68 10.36 -3.67 -15.61
CA ASP B 68 11.19 -4.42 -14.67
C ASP B 68 12.64 -4.45 -15.06
N THR B 69 13.50 -4.40 -14.04
CA THR B 69 14.91 -4.65 -14.26
C THR B 69 15.16 -6.16 -14.30
N ALA B 70 16.43 -6.52 -14.52
CA ALA B 70 16.89 -7.86 -14.28
C ALA B 70 17.26 -7.96 -12.76
N TRP B 71 17.71 -9.13 -12.32
CA TRP B 71 18.06 -9.31 -10.91
C TRP B 71 19.22 -8.42 -10.48
N THR B 72 20.17 -8.15 -11.38
CA THR B 72 21.37 -7.41 -11.02
C THR B 72 21.62 -6.24 -11.92
N ASP B 73 22.48 -5.35 -11.48
CA ASP B 73 22.88 -4.23 -12.30
C ASP B 73 23.59 -4.65 -13.56
N ASP B 74 24.51 -5.63 -13.46
CA ASP B 74 25.21 -6.06 -14.67
C ASP B 74 24.25 -6.70 -15.68
N GLN B 75 23.28 -7.50 -15.20
CA GLN B 75 22.30 -8.08 -16.09
C GLN B 75 21.46 -6.99 -16.74
N THR B 76 21.14 -5.95 -15.97
CA THR B 76 20.31 -4.85 -16.50
C THR B 76 21.12 -4.08 -17.54
N ALA B 77 22.42 -3.87 -17.31
CA ALA B 77 23.27 -3.25 -18.33
C ALA B 77 23.27 -4.12 -19.60
N GLN B 78 23.24 -5.45 -19.45
CA GLN B 78 23.16 -6.35 -20.61
C GLN B 78 21.83 -6.15 -21.37
N ILE B 79 20.72 -5.93 -20.65
CA ILE B 79 19.44 -5.64 -21.31
C ILE B 79 19.62 -4.38 -22.17
N LEU B 80 20.23 -3.33 -21.58
CA LEU B 80 20.40 -2.10 -22.32
C LEU B 80 21.29 -2.31 -23.56
N ASN B 81 22.29 -3.17 -23.44
CA ASN B 81 23.16 -3.48 -24.58
C ASN B 81 22.38 -4.24 -25.67
N TRP B 82 21.51 -5.19 -25.28
CA TRP B 82 20.69 -5.90 -26.25
C TRP B 82 19.78 -4.88 -26.98
N ILE B 83 19.17 -3.97 -26.22
CA ILE B 83 18.34 -2.96 -26.85
C ILE B 83 19.14 -2.15 -27.86
N LYS B 84 20.35 -1.73 -27.50
CA LYS B 84 21.21 -0.97 -28.39
C LYS B 84 21.48 -1.73 -29.69
N GLN B 85 21.79 -3.01 -29.58
CA GLN B 85 22.17 -3.81 -30.73
C GLN B 85 20.97 -4.22 -31.57
N GLU B 86 19.85 -4.55 -30.95
CA GLU B 86 18.68 -5.09 -31.65
C GLU B 86 17.65 -4.07 -32.11
N ILE B 87 17.48 -3.00 -31.34
CA ILE B 87 16.46 -1.97 -31.56
C ILE B 87 17.07 -0.65 -31.93
N ASN B 88 18.15 -0.27 -31.24
CA ASN B 88 18.92 0.94 -31.50
C ASN B 88 18.04 2.20 -31.44
N LEU B 89 17.27 2.31 -30.36
CA LEU B 89 16.47 3.47 -30.04
C LEU B 89 16.75 3.86 -28.58
N PRO B 90 16.56 5.14 -28.22
CA PRO B 90 16.76 5.53 -26.83
C PRO B 90 15.73 4.89 -25.90
N VAL B 91 16.19 4.53 -24.72
CA VAL B 91 15.31 3.99 -23.68
C VAL B 91 14.79 5.19 -22.86
N ALA B 92 13.51 5.50 -23.01
CA ALA B 92 12.91 6.68 -22.42
C ALA B 92 12.63 6.55 -20.94
N LEU B 93 12.18 5.38 -20.50
CA LEU B 93 11.79 5.21 -19.11
C LEU B 93 11.68 3.73 -18.80
N ALA B 94 11.65 3.43 -17.51
CA ALA B 94 11.35 2.10 -17.03
C ALA B 94 10.31 2.21 -15.93
N VAL B 95 9.42 1.23 -15.89
CA VAL B 95 8.40 1.02 -14.84
CA VAL B 95 8.50 1.10 -14.80
C VAL B 95 8.80 -0.27 -14.15
N VAL B 96 8.91 -0.26 -12.83
CA VAL B 96 9.29 -1.46 -12.08
C VAL B 96 8.14 -1.83 -11.17
N THR B 97 7.85 -3.13 -11.08
CA THR B 97 6.56 -3.56 -10.61
C THR B 97 6.40 -3.92 -9.15
N HIS B 98 7.47 -3.97 -8.39
CA HIS B 98 7.47 -3.96 -6.93
C HIS B 98 8.88 -4.02 -6.42
N ALA B 99 9.02 -3.74 -5.12
CA ALA B 99 10.31 -3.68 -4.47
C ALA B 99 10.85 -5.01 -4.00
N HIS B 100 11.29 -5.83 -4.96
CA HIS B 100 12.01 -7.09 -4.73
C HIS B 100 13.11 -7.16 -5.77
N GLN B 101 14.12 -7.97 -5.49
CA GLN B 101 15.32 -8.05 -6.33
C GLN B 101 15.05 -8.39 -7.79
N ASP B 102 14.12 -9.31 -8.04
CA ASP B 102 13.86 -9.69 -9.42
CA ASP B 102 13.90 -9.69 -9.43
C ASP B 102 13.34 -8.56 -10.29
N LYS B 103 12.69 -7.56 -9.67
CA LYS B 103 12.07 -6.46 -10.42
C LYS B 103 12.83 -5.15 -10.33
N MET B 104 13.60 -4.96 -9.21
CA MET B 104 14.28 -3.71 -8.92
C MET B 104 15.75 -3.87 -8.62
N GLY B 105 16.30 -5.07 -8.78
CA GLY B 105 17.72 -5.25 -8.46
C GLY B 105 18.67 -4.45 -9.34
N GLY B 106 18.21 -4.04 -10.53
CA GLY B 106 19.08 -3.35 -11.48
C GLY B 106 18.87 -1.86 -11.60
N MET B 107 18.26 -1.21 -10.60
CA MET B 107 17.98 0.22 -10.71
C MET B 107 19.21 1.05 -10.94
N ASP B 108 20.33 0.72 -10.26
CA ASP B 108 21.54 1.52 -10.44
C ASP B 108 21.98 1.58 -11.89
N ALA B 109 21.85 0.46 -12.62
CA ALA B 109 22.24 0.44 -14.03
C ALA B 109 21.36 1.35 -14.85
N LEU B 110 20.06 1.36 -14.57
CA LEU B 110 19.17 2.27 -15.30
C LEU B 110 19.53 3.72 -15.04
N HIS B 111 19.76 4.04 -13.77
CA HIS B 111 20.08 5.41 -13.39
C HIS B 111 21.40 5.86 -13.99
N ALA B 112 22.40 4.97 -14.04
CA ALA B 112 23.70 5.27 -14.63
C ALA B 112 23.58 5.63 -16.09
N ALA B 113 22.57 5.04 -16.76
CA ALA B 113 22.32 5.24 -18.17
C ALA B 113 21.43 6.43 -18.46
N GLY B 114 20.98 7.15 -17.42
CA GLY B 114 20.14 8.32 -17.57
C GLY B 114 18.70 8.01 -17.88
N ILE B 115 18.24 6.81 -17.53
CA ILE B 115 16.88 6.42 -17.81
C ILE B 115 15.99 6.78 -16.65
N ALA B 116 14.90 7.47 -16.92
CA ALA B 116 13.92 7.86 -15.89
C ALA B 116 13.19 6.65 -15.39
N THR B 117 13.09 6.51 -14.07
CA THR B 117 12.45 5.33 -13.48
C THR B 117 11.24 5.69 -12.67
N TYR B 118 10.23 4.79 -12.74
CA TYR B 118 8.95 4.95 -12.11
C TYR B 118 8.56 3.69 -11.37
N ALA B 119 7.99 3.86 -10.18
CA ALA B 119 7.45 2.76 -9.40
C ALA B 119 6.30 3.27 -8.57
N ASN B 120 5.44 2.35 -8.12
CA ASN B 120 4.45 2.72 -7.12
C ASN B 120 5.16 3.48 -5.99
N ALA B 121 4.54 4.58 -5.50
CA ALA B 121 5.07 5.28 -4.34
C ALA B 121 5.38 4.30 -3.20
N LEU B 122 4.48 3.32 -2.96
CA LEU B 122 4.71 2.37 -1.88
C LEU B 122 5.97 1.52 -2.15
N SER B 123 6.21 1.14 -3.42
CA SER B 123 7.44 0.45 -3.75
C SER B 123 8.66 1.31 -3.40
N ASN B 124 8.60 2.59 -3.70
CA ASN B 124 9.72 3.46 -3.39
C ASN B 124 9.90 3.58 -1.86
N GLN B 125 8.80 3.61 -1.11
CA GLN B 125 8.88 3.69 0.34
C GLN B 125 9.44 2.40 0.94
N LEU B 126 9.05 1.26 0.39
CA LEU B 126 9.53 -0.03 0.85
C LEU B 126 10.94 -0.35 0.36
N ALA B 127 11.38 0.28 -0.73
CA ALA B 127 12.61 -0.09 -1.39
C ALA B 127 13.79 -0.25 -0.45
N PRO B 128 14.21 0.77 0.26
N PRO B 128 14.10 0.73 0.49
CA PRO B 128 15.37 0.57 1.13
CA PRO B 128 15.27 0.56 1.40
C PRO B 128 15.12 -0.55 2.15
C PRO B 128 15.21 -0.73 2.24
N GLN B 129 13.87 -0.72 2.61
CA GLN B 129 13.58 -1.79 3.56
C GLN B 129 13.74 -3.21 2.96
N GLU B 130 13.60 -3.31 1.66
CA GLU B 130 13.69 -4.49 0.81
C GLU B 130 15.04 -4.61 0.11
N GLY B 131 16.01 -3.75 0.43
CA GLY B 131 17.34 -3.85 -0.16
C GLY B 131 17.46 -3.27 -1.55
N MET B 132 16.48 -2.47 -1.98
CA MET B 132 16.46 -1.91 -3.32
C MET B 132 16.73 -0.43 -3.34
N VAL B 133 17.27 0.03 -4.45
CA VAL B 133 17.35 1.45 -4.77
C VAL B 133 15.95 1.89 -5.24
N ALA B 134 15.41 3.00 -4.71
CA ALA B 134 14.11 3.48 -5.15
C ALA B 134 14.17 4.02 -6.57
N ALA B 135 13.03 3.95 -7.26
CA ALA B 135 12.87 4.67 -8.50
C ALA B 135 12.90 6.18 -8.26
N GLN B 136 13.17 6.93 -9.32
CA GLN B 136 13.29 8.38 -9.23
C GLN B 136 11.96 9.07 -9.09
N HIS B 137 10.90 8.42 -9.56
CA HIS B 137 9.57 8.99 -9.59
C HIS B 137 8.58 8.00 -9.03
N SER B 138 7.54 8.52 -8.39
CA SER B 138 6.48 7.72 -7.82
C SER B 138 5.20 7.82 -8.59
N LEU B 139 4.61 6.68 -8.85
CA LEU B 139 3.26 6.54 -9.38
C LEU B 139 2.30 6.45 -8.22
N THR B 140 1.15 7.11 -8.33
CA THR B 140 0.08 6.91 -7.37
C THR B 140 -1.15 6.45 -8.11
N PHE B 141 -2.12 5.93 -7.35
CA PHE B 141 -3.25 5.21 -7.92
C PHE B 141 -4.56 5.66 -7.31
N ALA B 142 -5.59 5.63 -8.13
CA ALA B 142 -6.95 5.85 -7.67
C ALA B 142 -7.45 4.65 -6.87
N ALA B 143 -8.56 4.81 -6.17
CA ALA B 143 -9.16 3.72 -5.40
C ALA B 143 -9.57 2.56 -6.30
N ASN B 144 -9.82 2.81 -7.59
CA ASN B 144 -10.17 1.76 -8.53
C ASN B 144 -8.95 1.06 -9.10
N GLY B 145 -7.75 1.47 -8.68
CA GLY B 145 -6.50 0.86 -9.10
C GLY B 145 -5.78 1.50 -10.26
N TRP B 146 -6.45 2.36 -11.04
CA TRP B 146 -5.77 2.94 -12.19
C TRP B 146 -4.81 4.02 -11.77
N VAL B 147 -3.67 4.10 -12.48
CA VAL B 147 -2.66 5.10 -12.18
C VAL B 147 -3.27 6.51 -12.31
N GLU B 148 -2.84 7.42 -11.44
CA GLU B 148 -3.20 8.84 -11.50
C GLU B 148 -2.44 9.42 -12.71
N PRO B 149 -3.16 9.94 -13.73
CA PRO B 149 -2.49 10.28 -15.00
CA PRO B 149 -2.49 10.29 -15.00
C PRO B 149 -1.28 11.18 -14.97
N ALA B 150 -1.33 12.22 -14.19
CA ALA B 150 -0.22 13.16 -14.09
C ALA B 150 1.05 12.54 -13.54
N THR B 151 0.95 11.38 -12.84
CA THR B 151 2.13 10.73 -12.28
C THR B 151 2.81 9.83 -13.27
N ALA B 152 2.16 9.57 -14.44
CA ALA B 152 2.72 8.66 -15.45
C ALA B 152 2.75 9.38 -16.80
N PRO B 153 3.52 10.48 -16.91
CA PRO B 153 3.53 11.24 -18.17
C PRO B 153 4.29 10.50 -19.25
N ASN B 154 3.84 10.72 -20.49
CA ASN B 154 4.48 10.14 -21.68
C ASN B 154 4.71 8.63 -21.61
N PHE B 155 3.71 7.90 -21.16
CA PHE B 155 3.79 6.44 -21.03
C PHE B 155 3.39 5.65 -22.29
N GLY B 156 3.05 6.34 -23.37
CA GLY B 156 2.76 5.66 -24.62
C GLY B 156 1.62 4.68 -24.48
N PRO B 157 1.82 3.41 -24.88
CA PRO B 157 0.75 2.41 -24.78
C PRO B 157 0.64 1.75 -23.40
N LEU B 158 1.53 2.09 -22.45
CA LEU B 158 1.50 1.39 -21.17
C LEU B 158 0.35 1.85 -20.33
N LYS B 159 -0.40 0.88 -19.81
CA LYS B 159 -1.57 1.13 -18.96
C LYS B 159 -1.26 0.50 -17.62
N VAL B 160 -0.97 1.34 -16.62
CA VAL B 160 -0.47 0.88 -15.33
C VAL B 160 -1.59 0.78 -14.32
N PHE B 161 -1.70 -0.39 -13.68
CA PHE B 161 -2.81 -0.72 -12.79
C PHE B 161 -2.30 -1.34 -11.51
N TYR B 162 -2.78 -0.84 -10.37
CA TYR B 162 -2.49 -1.41 -9.06
C TYR B 162 -3.68 -2.26 -8.66
N PRO B 163 -3.52 -3.59 -8.61
CA PRO B 163 -4.68 -4.46 -8.41
C PRO B 163 -5.05 -4.67 -6.97
N GLY B 164 -4.21 -4.20 -6.06
CA GLY B 164 -4.36 -4.46 -4.64
C GLY B 164 -3.25 -5.37 -4.15
N PRO B 165 -3.16 -5.56 -2.84
CA PRO B 165 -2.08 -6.38 -2.27
C PRO B 165 -2.24 -7.84 -2.67
N GLY B 166 -1.12 -8.50 -2.94
CA GLY B 166 -1.16 -9.91 -3.29
C GLY B 166 0.18 -10.55 -3.02
N HIS B 167 1.02 -10.69 -4.05
CA HIS B 167 2.36 -11.18 -3.85
C HIS B 167 3.14 -10.28 -2.88
N THR B 168 2.94 -8.98 -3.01
CA THR B 168 3.37 -7.98 -2.06
C THR B 168 2.28 -6.95 -1.92
N SER B 169 2.42 -6.03 -0.95
CA SER B 169 1.44 -4.97 -0.84
CA SER B 169 1.46 -4.96 -0.83
C SER B 169 1.54 -3.96 -1.98
N ASP B 170 2.71 -3.84 -2.60
CA ASP B 170 2.97 -2.81 -3.58
C ASP B 170 2.89 -3.23 -5.04
N ASN B 171 2.65 -4.51 -5.31
CA ASN B 171 2.73 -5.01 -6.68
C ASN B 171 1.81 -4.27 -7.64
N ILE B 172 2.34 -3.90 -8.81
CA ILE B 172 1.60 -3.27 -9.86
C ILE B 172 1.70 -4.13 -11.14
N THR B 173 0.84 -3.79 -12.11
CA THR B 173 0.68 -4.55 -13.35
C THR B 173 0.59 -3.59 -14.50
N VAL B 174 0.84 -4.09 -15.71
CA VAL B 174 0.94 -3.22 -16.88
C VAL B 174 0.31 -3.88 -18.09
N GLY B 175 -0.65 -3.21 -18.73
CA GLY B 175 -1.19 -3.66 -20.00
C GLY B 175 -0.53 -2.86 -21.12
N ILE B 176 -0.49 -3.44 -22.33
CA ILE B 176 0.06 -2.74 -23.47
C ILE B 176 -1.07 -2.48 -24.47
N ASP B 177 -1.53 -1.23 -24.51
CA ASP B 177 -2.65 -0.89 -25.37
C ASP B 177 -2.31 -1.16 -26.81
N GLY B 178 -3.30 -1.65 -27.58
CA GLY B 178 -3.14 -1.98 -28.98
C GLY B 178 -2.54 -3.35 -29.23
N THR B 179 -2.25 -4.12 -28.18
CA THR B 179 -1.72 -5.47 -28.26
C THR B 179 -2.64 -6.41 -27.52
N ASP B 180 -2.29 -7.69 -27.52
CA ASP B 180 -3.03 -8.70 -26.80
C ASP B 180 -2.38 -9.01 -25.44
N ILE B 181 -1.44 -8.20 -24.99
CA ILE B 181 -0.59 -8.50 -23.84
C ILE B 181 -0.93 -7.73 -22.60
N ALA B 182 -0.93 -8.44 -21.47
CA ALA B 182 -0.96 -7.80 -20.15
C ALA B 182 0.05 -8.51 -19.28
N PHE B 183 0.75 -7.72 -18.47
CA PHE B 183 1.83 -8.20 -17.63
C PHE B 183 1.41 -8.20 -16.17
N GLY B 184 1.35 -9.40 -15.60
CA GLY B 184 1.00 -9.55 -14.20
C GLY B 184 2.15 -9.56 -13.24
N GLY B 185 3.40 -9.53 -13.73
CA GLY B 185 4.55 -9.59 -12.85
C GLY B 185 4.50 -10.82 -11.97
N CYS B 186 4.83 -10.64 -10.69
CA CYS B 186 4.89 -11.74 -9.76
CA CYS B 186 4.85 -11.73 -9.74
C CYS B 186 3.53 -12.06 -9.15
N LEU B 187 2.52 -11.23 -9.40
CA LEU B 187 1.20 -11.51 -8.87
C LEU B 187 0.61 -12.78 -9.48
N ILE B 188 0.74 -12.91 -10.79
CA ILE B 188 0.14 -13.99 -11.55
C ILE B 188 1.12 -15.12 -11.76
N LYS B 189 0.61 -16.34 -11.54
CA LYS B 189 1.35 -17.58 -11.79
CA LYS B 189 1.35 -17.57 -11.76
C LYS B 189 0.68 -18.32 -12.94
N ASP B 190 1.40 -19.23 -13.58
CA ASP B 190 0.80 -19.87 -14.74
C ASP B 190 -0.30 -20.86 -14.41
N SER B 191 -1.03 -21.24 -15.44
CA SER B 191 -2.21 -22.06 -15.28
C SER B 191 -1.94 -23.45 -14.74
N LYS B 192 -0.68 -23.89 -14.77
CA LYS B 192 -0.26 -25.18 -14.24
C LYS B 192 0.62 -25.03 -13.01
N ALA B 193 0.67 -23.84 -12.41
CA ALA B 193 1.52 -23.62 -11.24
C ALA B 193 1.08 -24.43 -10.06
N LYS B 194 2.08 -24.87 -9.29
CA LYS B 194 1.83 -25.68 -8.11
C LYS B 194 1.63 -24.87 -6.84
N SER B 195 2.10 -23.62 -6.82
CA SER B 195 1.97 -22.78 -5.64
C SER B 195 1.97 -21.34 -6.12
N LEU B 196 1.79 -20.43 -5.18
CA LEU B 196 1.86 -19.02 -5.42
C LEU B 196 3.27 -18.45 -5.18
N GLY B 197 4.29 -19.30 -5.05
CA GLY B 197 5.66 -18.83 -4.91
C GLY B 197 6.01 -18.43 -3.51
N ASN B 198 6.89 -17.45 -3.37
CA ASN B 198 7.32 -17.00 -2.05
C ASN B 198 6.23 -16.11 -1.49
N LEU B 199 5.54 -16.58 -0.47
CA LEU B 199 4.48 -15.85 0.19
C LEU B 199 4.95 -15.02 1.39
N GLY B 200 6.27 -14.90 1.58
CA GLY B 200 6.81 -14.21 2.74
C GLY B 200 6.34 -12.79 2.95
N ASP B 201 6.11 -12.06 1.85
CA ASP B 201 5.67 -10.69 1.90
C ASP B 201 4.24 -10.54 1.39
N ALA B 202 3.55 -11.64 1.22
CA ALA B 202 2.24 -11.65 0.60
C ALA B 202 1.12 -11.29 1.53
N ASP B 203 0.04 -10.81 0.94
CA ASP B 203 -1.20 -10.55 1.64
C ASP B 203 -2.15 -11.68 1.28
N THR B 204 -2.18 -12.69 2.12
CA THR B 204 -2.95 -13.88 1.80
C THR B 204 -4.45 -13.64 1.79
N GLU B 205 -4.94 -12.66 2.57
CA GLU B 205 -6.36 -12.36 2.58
C GLU B 205 -6.82 -11.74 1.25
N HIS B 206 -6.04 -10.79 0.74
CA HIS B 206 -6.46 -9.98 -0.40
C HIS B 206 -5.98 -10.49 -1.75
N TYR B 207 -5.09 -11.50 -1.75
CA TYR B 207 -4.47 -11.97 -2.99
C TYR B 207 -5.51 -12.31 -4.05
N ALA B 208 -6.52 -13.13 -3.70
CA ALA B 208 -7.45 -13.59 -4.73
C ALA B 208 -8.16 -12.43 -5.41
N ALA B 209 -8.64 -11.48 -4.60
CA ALA B 209 -9.34 -10.31 -5.18
C ALA B 209 -8.39 -9.50 -6.05
N SER B 210 -7.13 -9.41 -5.67
CA SER B 210 -6.19 -8.64 -6.49
CA SER B 210 -6.13 -8.66 -6.47
C SER B 210 -5.94 -9.34 -7.82
N ALA B 211 -5.78 -10.67 -7.82
CA ALA B 211 -5.64 -11.40 -9.07
C ALA B 211 -6.88 -11.17 -9.97
N ARG B 212 -8.08 -11.24 -9.40
CA ARG B 212 -9.29 -11.03 -10.19
C ARG B 212 -9.35 -9.58 -10.69
N ALA B 213 -8.90 -8.62 -9.88
CA ALA B 213 -8.94 -7.23 -10.29
C ALA B 213 -8.02 -7.00 -11.48
N PHE B 214 -6.84 -7.65 -11.50
CA PHE B 214 -5.97 -7.58 -12.65
C PHE B 214 -6.71 -8.09 -13.92
N GLY B 215 -7.37 -9.24 -13.80
CA GLY B 215 -8.11 -9.75 -14.94
C GLY B 215 -9.17 -8.80 -15.44
N ALA B 216 -9.89 -8.16 -14.51
CA ALA B 216 -10.95 -7.25 -14.87
C ALA B 216 -10.44 -5.93 -15.41
N ALA B 217 -9.22 -5.54 -15.05
CA ALA B 217 -8.61 -4.30 -15.53
C ALA B 217 -8.18 -4.44 -16.99
N PHE B 218 -7.79 -5.66 -17.37
CA PHE B 218 -7.28 -5.97 -18.69
C PHE B 218 -8.12 -7.11 -19.26
N PRO B 219 -9.42 -6.87 -19.52
CA PRO B 219 -10.31 -7.98 -19.87
C PRO B 219 -10.02 -8.59 -21.22
N LYS B 220 -9.45 -7.79 -22.12
CA LYS B 220 -9.27 -8.26 -23.48
C LYS B 220 -8.05 -9.14 -23.66
N ALA B 221 -6.99 -8.89 -22.89
CA ALA B 221 -5.71 -9.51 -23.13
C ALA B 221 -5.77 -11.01 -23.15
N SER B 222 -5.21 -11.63 -24.17
CA SER B 222 -5.15 -13.08 -24.27
C SER B 222 -3.79 -13.64 -23.93
N MET B 223 -2.74 -12.81 -23.95
CA MET B 223 -1.38 -13.22 -23.66
C MET B 223 -0.99 -12.62 -22.33
N ILE B 224 -0.97 -13.46 -21.30
CA ILE B 224 -0.67 -13.04 -19.94
C ILE B 224 0.77 -13.34 -19.66
N VAL B 225 1.56 -12.29 -19.50
CA VAL B 225 2.99 -12.40 -19.26
C VAL B 225 3.20 -12.28 -17.78
N MET B 226 4.17 -13.03 -17.24
CA MET B 226 4.39 -13.06 -15.82
C MET B 226 5.86 -13.25 -15.52
N SER B 227 6.23 -13.07 -14.25
CA SER B 227 7.65 -13.08 -13.93
C SER B 227 8.33 -14.42 -14.02
N HIS B 228 7.63 -15.52 -13.72
CA HIS B 228 8.32 -16.80 -13.52
C HIS B 228 7.86 -17.95 -14.36
N SER B 229 7.11 -17.67 -15.41
CA SER B 229 6.66 -18.67 -16.37
C SER B 229 6.60 -18.04 -17.74
N ALA B 230 6.52 -18.87 -18.76
CA ALA B 230 6.30 -18.40 -20.11
C ALA B 230 4.91 -17.77 -20.23
N PRO B 231 4.70 -16.91 -21.24
CA PRO B 231 3.38 -16.31 -21.42
C PRO B 231 2.30 -17.38 -21.53
N ASP B 232 1.15 -17.11 -20.92
CA ASP B 232 0.07 -18.09 -20.84
C ASP B 232 -1.23 -17.47 -21.24
N SER B 233 -2.26 -18.29 -21.28
CA SER B 233 -3.61 -17.83 -21.52
C SER B 233 -4.19 -17.18 -20.24
N ARG B 234 -5.43 -16.70 -20.36
CA ARG B 234 -6.15 -16.14 -19.23
C ARG B 234 -6.43 -17.15 -18.14
N ALA B 235 -6.25 -18.46 -18.43
CA ALA B 235 -6.37 -19.48 -17.41
C ALA B 235 -5.34 -19.24 -16.29
N ALA B 236 -4.23 -18.55 -16.58
CA ALA B 236 -3.27 -18.22 -15.52
C ALA B 236 -3.96 -17.35 -14.45
N ILE B 237 -4.79 -16.39 -14.89
CA ILE B 237 -5.47 -15.51 -13.95
C ILE B 237 -6.45 -16.31 -13.09
N THR B 238 -7.31 -17.09 -13.75
CA THR B 238 -8.28 -17.86 -12.99
CA THR B 238 -8.30 -17.93 -13.07
C THR B 238 -7.62 -18.85 -12.06
N HIS B 239 -6.56 -19.54 -12.50
CA HIS B 239 -5.86 -20.49 -11.63
C HIS B 239 -5.22 -19.80 -10.45
N THR B 240 -4.58 -18.67 -10.70
CA THR B 240 -3.96 -17.91 -9.61
C THR B 240 -5.01 -17.52 -8.57
N ALA B 241 -6.14 -16.97 -9.05
CA ALA B 241 -7.19 -16.56 -8.13
C ALA B 241 -7.77 -17.73 -7.34
N ARG B 242 -7.95 -18.87 -7.99
CA ARG B 242 -8.45 -20.06 -7.30
C ARG B 242 -7.45 -20.62 -6.29
N MET B 243 -6.15 -20.58 -6.60
CA MET B 243 -5.14 -20.95 -5.61
C MET B 243 -5.20 -20.01 -4.41
N ALA B 244 -5.32 -18.72 -4.69
CA ALA B 244 -5.38 -17.70 -3.66
C ALA B 244 -6.66 -17.80 -2.82
N ASP B 245 -7.77 -18.27 -3.40
CA ASP B 245 -9.00 -18.47 -2.63
C ASP B 245 -8.77 -19.46 -1.49
N LYS B 246 -7.81 -20.40 -1.67
CA LYS B 246 -7.51 -21.41 -0.65
C LYS B 246 -6.77 -20.86 0.55
N LEU B 247 -6.20 -19.65 0.41
CA LEU B 247 -5.47 -19.02 1.51
C LEU B 247 -6.45 -18.45 2.52
C ACT C . -10.08 -6.01 12.17
O ACT C . -10.94 -5.15 12.42
OXT ACT C . -8.96 -6.07 12.74
CH3 ACT C . -10.38 -7.05 11.10
CA CA D . -22.93 1.50 7.48
ZN ZN E . -7.40 -1.98 12.32
ZN ZN F . -7.97 -0.86 16.11
CD CD G . -8.96 -8.03 6.76
C1 O0L H . -10.19 -5.52 15.84
C2 O0L H . -10.68 -5.91 17.08
C3 O0L H . -9.95 -5.68 18.25
C4 O0L H . -8.69 -4.99 18.20
C5 O0L H . -7.91 -4.83 19.44
C6 O0L H . -7.48 -3.63 19.91
C7 O0L H . -6.74 -3.54 21.06
C8 O0L H . -6.34 -4.66 21.79
C9 O0L H . -5.52 -4.50 23.06
C10 O0L H . -6.71 -5.89 21.31
C11 O0L H . -7.50 -6.02 20.16
O1 O0L H . -4.39 -5.36 22.98
O1 O0L H . -5.78 -3.23 23.72
C12 O0L H . -8.21 -4.56 16.94
C O0L H . -8.93 -4.85 15.78
O O0L H . -8.42 -4.47 14.60
C13 O0L H . -6.92 -3.89 16.85
N3 O0L H . -6.74 -2.62 16.53
N2 O0L H . -5.45 -2.36 16.60
N1 O0L H . -4.81 -3.46 16.94
N O0L H . -5.68 -4.45 17.10
C ACT I . 11.70 -11.62 -2.17
O ACT I . 12.39 -11.28 -3.12
OXT ACT I . 10.67 -12.32 -2.29
CH3 ACT I . 12.12 -11.17 -0.75
ZN ZN J . 8.43 -10.17 -5.44
ZN ZN K . 9.13 -12.75 -8.39
CD CD L . 10.42 -8.32 2.55
CD CD M . 22.64 -1.85 -7.35
C1 O0L N . 12.04 -14.42 -4.54
C2 O0L N . 12.75 -15.57 -4.90
C3 O0L N . 12.05 -16.60 -5.61
C4 O0L N . 10.69 -16.46 -5.98
C5 O0L N . 9.97 -17.59 -6.64
C6 O0L N . 9.31 -17.46 -7.85
C7 O0L N . 8.62 -18.48 -8.46
C8 O0L N . 8.54 -19.74 -7.86
C9 O0L N . 7.81 -20.87 -8.52
C10 O0L N . 9.15 -19.90 -6.62
C11 O0L N . 9.84 -18.84 -6.01
O1 O0L N . 6.77 -21.33 -7.63
O1 O0L N . 8.15 -20.87 -9.91
C12 O0L N . 10.00 -15.25 -5.65
C O0L N . 10.68 -14.26 -4.92
O O0L N . 10.01 -13.15 -4.56
C13 O0L N . 8.62 -15.05 -6.04
N3 O0L N . 8.22 -14.17 -6.99
N2 O0L N . 6.91 -14.32 -7.14
N1 O0L N . 6.49 -15.25 -6.30
N O0L N . 7.54 -15.72 -5.60
#